data_1A3Y
#
_entry.id   1A3Y
#
_cell.length_a   42.360
_cell.length_b   88.730
_cell.length_c   93.190
_cell.angle_alpha   90.00
_cell.angle_beta   90.00
_cell.angle_gamma   90.00
#
_symmetry.space_group_name_H-M   'P 21 21 21'
#
loop_
_entity.id
_entity.type
_entity.pdbx_description
1 polymer 'ODORANT BINDING PROTEIN'
2 water water
#
_entity_poly.entity_id   1
_entity_poly.type   'polypeptide(L)'
_entity_poly.pdbx_seq_one_letter_code
;PFELSGKWITSYIGSSDLEKIGENAPFQVFMRSIEFDDKESKVYLNFFSKENGICEEFSLIGTKQEGNTYDVNYAGNNKF
VVSYASETALIISNINVDEEGDKTIMTGLLGKGTDIEDQDLEKFKEVTRENGIPEENIVNIIERDDCPA
;
_entity_poly.pdbx_strand_id   A,B
#
# COMPACT_ATOMS: atom_id res chain seq x y z
N PRO A 1 4.93 13.87 -10.74
CA PRO A 1 4.90 12.52 -11.38
C PRO A 1 6.02 11.60 -10.84
N PHE A 2 5.64 10.62 -10.02
CA PHE A 2 6.60 9.67 -9.40
C PHE A 2 7.32 8.73 -10.34
N GLU A 3 8.62 8.61 -10.13
CA GLU A 3 9.43 7.71 -10.94
C GLU A 3 9.68 6.50 -10.06
N LEU A 4 9.11 5.37 -10.44
CA LEU A 4 9.27 4.15 -9.67
C LEU A 4 10.44 3.31 -10.17
N SER A 5 10.83 3.51 -11.43
CA SER A 5 11.93 2.76 -12.01
C SER A 5 13.31 3.36 -11.75
N GLY A 6 14.32 2.52 -11.68
CA GLY A 6 15.68 3.00 -11.45
C GLY A 6 16.42 2.24 -10.38
N LYS A 7 17.37 2.93 -9.75
CA LYS A 7 18.21 2.39 -8.70
C LYS A 7 17.46 2.22 -7.39
N TRP A 8 17.51 1.00 -6.84
CA TRP A 8 16.87 0.69 -5.54
C TRP A 8 17.71 -0.32 -4.74
N ILE A 9 18.12 0.08 -3.53
CA ILE A 9 18.92 -0.76 -2.65
C ILE A 9 18.06 -1.14 -1.44
N THR A 10 18.26 -2.34 -0.90
CA THR A 10 17.48 -2.79 0.26
C THR A 10 18.07 -2.24 1.56
N SER A 11 17.20 -1.79 2.46
CA SER A 11 17.60 -1.24 3.75
C SER A 11 17.25 -2.22 4.87
N TYR A 12 15.97 -2.59 4.93
CA TYR A 12 15.44 -3.52 5.92
C TYR A 12 14.48 -4.50 5.26
N ILE A 13 14.39 -5.68 5.85
CA ILE A 13 13.51 -6.76 5.39
C ILE A 13 12.87 -7.41 6.60
N GLY A 14 11.57 -7.66 6.54
CA GLY A 14 10.87 -8.34 7.63
C GLY A 14 10.31 -9.63 7.08
N SER A 15 10.14 -10.65 7.91
CA SER A 15 9.62 -11.93 7.44
C SER A 15 8.88 -12.67 8.52
N SER A 16 7.90 -13.46 8.11
CA SER A 16 7.10 -14.26 9.04
C SER A 16 7.77 -15.61 9.33
N ASP A 17 8.84 -15.90 8.59
CA ASP A 17 9.60 -17.13 8.78
C ASP A 17 11.05 -16.69 8.75
N LEU A 18 11.70 -16.80 9.89
CA LEU A 18 13.09 -16.41 10.04
C LEU A 18 14.04 -17.28 9.22
N GLU A 19 13.59 -18.45 8.80
CA GLU A 19 14.44 -19.35 8.03
C GLU A 19 14.74 -18.83 6.61
N LYS A 20 13.89 -17.94 6.12
CA LYS A 20 14.03 -17.39 4.77
C LYS A 20 14.86 -16.09 4.65
N ILE A 21 15.35 -15.54 5.76
CA ILE A 21 16.10 -14.29 5.68
C ILE A 21 17.42 -14.22 6.45
N GLY A 22 17.88 -15.33 7.01
CA GLY A 22 19.15 -15.30 7.74
C GLY A 22 20.35 -15.24 6.81
N GLU A 23 21.49 -15.73 7.28
CA GLU A 23 22.68 -15.73 6.44
C GLU A 23 22.58 -16.71 5.28
N ASN A 24 22.82 -16.20 4.08
CA ASN A 24 22.81 -16.99 2.87
C ASN A 24 21.46 -17.58 2.49
N ALA A 25 20.41 -17.21 3.22
CA ALA A 25 19.07 -17.71 2.92
C ALA A 25 18.58 -17.09 1.60
N PRO A 26 17.53 -17.67 0.99
CA PRO A 26 17.03 -17.13 -0.27
C PRO A 26 16.52 -15.70 -0.28
N PHE A 27 15.99 -15.21 0.84
CA PHE A 27 15.43 -13.87 0.87
C PHE A 27 16.17 -12.69 1.51
N GLN A 28 17.47 -12.86 1.76
CA GLN A 28 18.28 -11.76 2.26
C GLN A 28 18.77 -11.18 0.94
N VAL A 29 17.86 -10.45 0.29
CA VAL A 29 18.04 -9.84 -1.01
C VAL A 29 18.56 -8.41 -0.99
N PHE A 30 19.72 -8.21 -1.60
CA PHE A 30 20.38 -6.90 -1.70
C PHE A 30 20.01 -6.27 -3.04
N MET A 31 18.91 -5.53 -3.10
CA MET A 31 18.50 -4.93 -4.38
C MET A 31 19.48 -3.95 -5.01
N ARG A 32 19.52 -3.95 -6.35
CA ARG A 32 20.37 -3.02 -7.11
C ARG A 32 19.50 -2.14 -8.01
N SER A 33 18.42 -2.71 -8.56
CA SER A 33 17.50 -1.96 -9.42
C SER A 33 16.18 -2.67 -9.77
N ILE A 34 15.13 -1.89 -10.01
CA ILE A 34 13.82 -2.40 -10.39
C ILE A 34 13.32 -1.53 -11.53
N GLU A 35 12.86 -2.15 -12.62
CA GLU A 35 12.34 -1.44 -13.79
C GLU A 35 10.91 -1.86 -14.10
N PHE A 36 9.99 -0.90 -14.13
CA PHE A 36 8.59 -1.20 -14.42
C PHE A 36 8.27 -0.91 -15.90
N ASP A 37 8.05 -1.97 -16.70
CA ASP A 37 7.72 -1.83 -18.12
C ASP A 37 6.21 -1.97 -18.29
N ASP A 38 5.48 -0.94 -17.88
CA ASP A 38 4.03 -0.97 -17.97
C ASP A 38 3.49 -1.27 -19.37
N LYS A 39 4.23 -0.88 -20.41
CA LYS A 39 3.77 -1.15 -21.77
C LYS A 39 3.72 -2.64 -22.09
N GLU A 40 4.67 -3.40 -21.56
CA GLU A 40 4.74 -4.84 -21.78
C GLU A 40 4.32 -5.65 -20.56
N SER A 41 3.73 -4.96 -19.58
CA SER A 41 3.24 -5.54 -18.33
C SER A 41 4.24 -6.47 -17.60
N LYS A 42 5.47 -5.98 -17.46
CA LYS A 42 6.52 -6.73 -16.79
C LYS A 42 7.26 -5.88 -15.78
N VAL A 43 8.17 -6.53 -15.05
CA VAL A 43 8.98 -5.88 -14.04
C VAL A 43 10.34 -6.57 -14.11
N TYR A 44 11.41 -5.78 -14.06
CA TYR A 44 12.77 -6.31 -14.13
C TYR A 44 13.48 -6.08 -12.80
N LEU A 45 13.90 -7.17 -12.16
CA LEU A 45 14.56 -7.10 -10.87
C LEU A 45 16.00 -7.60 -10.90
N ASN A 46 16.93 -6.74 -10.49
CA ASN A 46 18.36 -7.09 -10.44
C ASN A 46 18.81 -6.92 -8.99
N PHE A 47 19.48 -7.94 -8.45
CA PHE A 47 19.95 -7.90 -7.07
C PHE A 47 21.01 -8.95 -6.80
N PHE A 48 21.56 -8.91 -5.59
CA PHE A 48 22.57 -9.88 -5.18
C PHE A 48 22.03 -10.69 -3.99
N SER A 49 22.57 -11.88 -3.82
CA SER A 49 22.17 -12.75 -2.74
C SER A 49 23.36 -13.64 -2.44
N LYS A 50 23.59 -13.93 -1.17
CA LYS A 50 24.71 -14.77 -0.82
C LYS A 50 24.35 -16.25 -0.69
N GLU A 51 25.27 -17.08 -1.16
CA GLU A 51 25.14 -18.53 -1.14
C GLU A 51 26.56 -19.03 -0.89
N ASN A 52 26.73 -19.71 0.23
CA ASN A 52 28.06 -20.23 0.60
C ASN A 52 29.03 -19.08 0.85
N GLY A 53 28.48 -17.95 1.27
CA GLY A 53 29.31 -16.80 1.58
C GLY A 53 29.62 -15.83 0.46
N ILE A 54 29.51 -16.25 -0.80
CA ILE A 54 29.83 -15.33 -1.90
C ILE A 54 28.61 -14.70 -2.58
N CYS A 55 28.80 -13.47 -3.05
CA CYS A 55 27.74 -12.73 -3.74
C CYS A 55 27.39 -13.32 -5.10
N GLU A 56 26.09 -13.51 -5.35
CA GLU A 56 25.61 -14.04 -6.62
C GLU A 56 24.51 -13.14 -7.15
N GLU A 57 24.73 -12.56 -8.32
CA GLU A 57 23.78 -11.65 -8.94
C GLU A 57 22.63 -12.32 -9.69
N PHE A 58 21.47 -11.71 -9.62
CA PHE A 58 20.25 -12.21 -10.27
C PHE A 58 19.60 -11.17 -11.14
N SER A 59 18.95 -11.64 -12.20
CA SER A 59 18.21 -10.77 -13.13
C SER A 59 16.92 -11.50 -13.45
N LEU A 60 15.88 -11.26 -12.65
CA LEU A 60 14.59 -11.92 -12.87
C LEU A 60 13.64 -11.04 -13.65
N ILE A 61 12.54 -11.64 -14.10
CA ILE A 61 11.51 -10.92 -14.85
C ILE A 61 10.14 -11.40 -14.35
N GLY A 62 9.36 -10.45 -13.85
CA GLY A 62 8.04 -10.77 -13.34
C GLY A 62 6.95 -10.22 -14.23
N THR A 63 5.80 -10.89 -14.23
CA THR A 63 4.69 -10.47 -15.05
C THR A 63 3.60 -9.82 -14.22
N LYS A 64 3.06 -8.69 -14.70
CA LYS A 64 2.01 -7.97 -13.97
C LYS A 64 0.70 -8.74 -14.04
N GLN A 65 0.03 -8.84 -12.90
CA GLN A 65 -1.23 -9.57 -12.81
C GLN A 65 -2.36 -8.70 -12.23
N GLU A 66 -3.38 -9.37 -11.67
CA GLU A 66 -4.54 -8.69 -11.08
C GLU A 66 -4.14 -7.60 -10.09
N GLY A 67 -4.84 -6.47 -10.15
CA GLY A 67 -4.56 -5.36 -9.26
C GLY A 67 -3.20 -4.72 -9.50
N ASN A 68 -2.39 -4.68 -8.45
CA ASN A 68 -1.06 -4.11 -8.52
C ASN A 68 -0.02 -5.21 -8.29
N THR A 69 -0.50 -6.45 -8.32
CA THR A 69 0.31 -7.63 -8.09
C THR A 69 1.33 -7.98 -9.17
N TYR A 70 2.44 -8.59 -8.76
CA TYR A 70 3.48 -8.99 -9.67
C TYR A 70 3.90 -10.43 -9.40
N ASP A 71 3.87 -11.24 -10.45
CA ASP A 71 4.24 -12.65 -10.36
C ASP A 71 5.67 -12.86 -10.78
N VAL A 72 6.40 -13.64 -9.99
CA VAL A 72 7.79 -13.90 -10.27
C VAL A 72 8.27 -15.21 -9.62
N ASN A 73 9.09 -15.96 -10.36
CA ASN A 73 9.66 -17.23 -9.86
C ASN A 73 11.05 -17.01 -9.26
N TYR A 74 11.25 -17.57 -8.07
CA TYR A 74 12.51 -17.47 -7.35
C TYR A 74 12.31 -18.13 -6.01
N ALA A 75 13.03 -19.23 -5.79
CA ALA A 75 12.92 -19.98 -4.53
C ALA A 75 11.43 -20.16 -4.21
N GLY A 76 10.70 -20.62 -5.21
CA GLY A 76 9.27 -20.84 -5.06
C GLY A 76 8.51 -19.89 -5.96
N ASN A 77 7.26 -19.59 -5.59
CA ASN A 77 6.42 -18.69 -6.36
C ASN A 77 6.15 -17.43 -5.53
N ASN A 78 6.30 -16.27 -6.16
CA ASN A 78 6.09 -15.00 -5.48
C ASN A 78 5.00 -14.13 -6.11
N LYS A 79 4.39 -13.30 -5.27
CA LYS A 79 3.35 -12.38 -5.71
C LYS A 79 3.62 -11.13 -4.86
N PHE A 80 4.39 -10.20 -5.41
CA PHE A 80 4.71 -9.00 -4.64
C PHE A 80 3.98 -7.75 -5.10
N VAL A 81 3.86 -6.80 -4.18
CA VAL A 81 3.16 -5.54 -4.42
C VAL A 81 3.96 -4.37 -3.84
N VAL A 82 3.87 -3.20 -4.48
CA VAL A 82 4.54 -2.01 -3.99
C VAL A 82 3.52 -1.27 -3.12
N SER A 83 3.55 -1.60 -1.82
CA SER A 83 2.63 -1.02 -0.84
C SER A 83 2.82 0.47 -0.64
N TYR A 84 4.02 0.97 -0.90
CA TYR A 84 4.32 2.39 -0.71
C TYR A 84 5.39 2.90 -1.66
N ALA A 85 5.26 4.17 -2.02
CA ALA A 85 6.21 4.80 -2.92
C ALA A 85 6.29 6.31 -2.74
N SER A 86 7.50 6.79 -2.45
CA SER A 86 7.76 8.21 -2.29
C SER A 86 9.05 8.47 -3.05
N GLU A 87 9.47 9.73 -3.11
CA GLU A 87 10.69 10.11 -3.82
C GLU A 87 11.98 9.50 -3.28
N THR A 88 11.93 9.03 -2.04
CA THR A 88 13.09 8.43 -1.39
C THR A 88 12.94 6.94 -1.09
N ALA A 89 11.71 6.44 -1.08
CA ALA A 89 11.52 5.04 -0.74
C ALA A 89 10.45 4.28 -1.48
N LEU A 90 10.56 2.96 -1.34
CA LEU A 90 9.67 1.96 -1.91
C LEU A 90 9.54 0.90 -0.82
N ILE A 91 8.33 0.42 -0.57
CA ILE A 91 8.15 -0.63 0.42
C ILE A 91 7.45 -1.76 -0.31
N ILE A 92 8.08 -2.93 -0.36
CA ILE A 92 7.49 -4.07 -1.06
C ILE A 92 6.89 -5.05 -0.06
N SER A 93 5.80 -5.71 -0.45
CA SER A 93 5.16 -6.74 0.39
C SER A 93 5.19 -7.96 -0.53
N ASN A 94 5.62 -9.11 -0.01
CA ASN A 94 5.72 -10.29 -0.85
C ASN A 94 5.18 -11.54 -0.17
N ILE A 95 4.67 -12.47 -0.97
CA ILE A 95 4.17 -13.73 -0.44
C ILE A 95 4.79 -14.88 -1.22
N ASN A 96 5.64 -15.63 -0.54
CA ASN A 96 6.31 -16.75 -1.17
C ASN A 96 5.76 -18.08 -0.67
N VAL A 97 5.70 -19.04 -1.60
CA VAL A 97 5.27 -20.41 -1.33
C VAL A 97 6.46 -21.16 -1.92
N ASP A 98 7.35 -21.64 -1.06
CA ASP A 98 8.53 -22.33 -1.54
C ASP A 98 8.26 -23.66 -2.21
N GLU A 99 9.33 -24.35 -2.60
CA GLU A 99 9.21 -25.65 -3.25
C GLU A 99 8.40 -26.63 -2.41
N GLU A 100 8.49 -26.48 -1.09
CA GLU A 100 7.79 -27.33 -0.14
C GLU A 100 6.33 -26.99 0.08
N GLY A 101 5.93 -25.78 -0.28
CA GLY A 101 4.55 -25.39 -0.10
C GLY A 101 4.27 -24.56 1.14
N ASP A 102 5.32 -24.13 1.83
CA ASP A 102 5.15 -23.31 3.02
C ASP A 102 5.03 -21.84 2.62
N LYS A 103 4.04 -21.15 3.18
CA LYS A 103 3.78 -19.74 2.89
C LYS A 103 4.51 -18.75 3.80
N THR A 104 5.22 -17.80 3.20
CA THR A 104 5.98 -16.79 3.94
C THR A 104 5.66 -15.40 3.42
N ILE A 105 5.20 -14.52 4.30
CA ILE A 105 4.92 -13.13 3.95
C ILE A 105 6.15 -12.34 4.38
N MET A 106 6.67 -11.53 3.45
CA MET A 106 7.85 -10.70 3.71
C MET A 106 7.62 -9.27 3.28
N THR A 107 8.44 -8.36 3.80
CA THR A 107 8.35 -6.94 3.48
C THR A 107 9.76 -6.36 3.33
N GLY A 108 9.89 -5.28 2.56
CA GLY A 108 11.19 -4.66 2.38
C GLY A 108 11.18 -3.17 2.14
N LEU A 109 12.16 -2.45 2.71
CA LEU A 109 12.26 -1.00 2.51
C LEU A 109 13.44 -0.76 1.59
N LEU A 110 13.17 -0.25 0.40
CA LEU A 110 14.20 0.02 -0.59
C LEU A 110 14.42 1.51 -0.70
N GLY A 111 15.64 1.92 -1.01
CA GLY A 111 15.97 3.33 -1.15
C GLY A 111 17.00 3.61 -2.23
N LYS A 112 17.46 4.86 -2.28
CA LYS A 112 18.44 5.29 -3.28
C LYS A 112 19.90 5.05 -2.94
N GLY A 113 20.19 4.68 -1.70
CA GLY A 113 21.55 4.44 -1.29
C GLY A 113 21.57 3.98 0.14
N THR A 114 22.72 4.14 0.81
CA THR A 114 22.86 3.72 2.21
C THR A 114 22.30 4.69 3.25
N ASP A 115 21.67 5.78 2.83
CA ASP A 115 21.13 6.75 3.78
C ASP A 115 19.61 6.76 3.94
N ILE A 116 19.18 6.33 5.12
CA ILE A 116 17.77 6.20 5.48
C ILE A 116 17.10 7.43 6.09
N GLU A 117 15.86 7.66 5.66
CA GLU A 117 15.03 8.76 6.13
C GLU A 117 14.06 8.07 7.09
N ASP A 118 14.09 8.44 8.37
CA ASP A 118 13.22 7.81 9.36
C ASP A 118 11.73 7.82 9.04
N GLN A 119 11.30 8.71 8.18
CA GLN A 119 9.91 8.80 7.81
C GLN A 119 9.49 7.56 7.02
N ASP A 120 10.40 7.09 6.16
CA ASP A 120 10.15 5.91 5.35
C ASP A 120 10.29 4.65 6.19
N LEU A 121 11.11 4.73 7.24
CA LEU A 121 11.34 3.61 8.14
C LEU A 121 10.11 3.36 9.01
N GLU A 122 9.46 4.43 9.46
CA GLU A 122 8.28 4.31 10.29
C GLU A 122 7.14 3.68 9.50
N LYS A 123 7.04 4.06 8.23
CA LYS A 123 6.03 3.51 7.34
C LYS A 123 6.33 2.03 7.08
N PHE A 124 7.61 1.69 6.92
CA PHE A 124 8.00 0.31 6.70
C PHE A 124 7.67 -0.52 7.93
N LYS A 125 7.97 0.02 9.11
CA LYS A 125 7.69 -0.70 10.35
C LYS A 125 6.19 -0.86 10.57
N GLU A 126 5.42 0.12 10.11
CA GLU A 126 3.96 0.08 10.25
C GLU A 126 3.38 -0.99 9.31
N VAL A 127 3.92 -1.12 8.11
CA VAL A 127 3.42 -2.12 7.16
C VAL A 127 3.80 -3.52 7.65
N THR A 128 5.03 -3.65 8.14
CA THR A 128 5.51 -4.92 8.66
C THR A 128 4.56 -5.40 9.76
N ARG A 129 4.23 -4.50 10.69
CA ARG A 129 3.36 -4.83 11.80
C ARG A 129 1.95 -5.26 11.35
N GLU A 130 1.43 -4.58 10.33
CA GLU A 130 0.11 -4.89 9.80
C GLU A 130 0.05 -6.28 9.20
N ASN A 131 1.20 -6.78 8.71
CA ASN A 131 1.25 -8.12 8.16
C ASN A 131 1.47 -9.13 9.30
N GLY A 132 1.30 -8.66 10.54
CA GLY A 132 1.45 -9.53 11.69
C GLY A 132 2.85 -10.06 11.90
N ILE A 133 3.84 -9.36 11.35
CA ILE A 133 5.24 -9.72 11.49
C ILE A 133 5.78 -8.90 12.66
N PRO A 134 6.39 -9.55 13.67
CA PRO A 134 6.93 -8.82 14.83
C PRO A 134 8.25 -8.07 14.57
N GLU A 135 8.53 -7.05 15.38
CA GLU A 135 9.74 -6.24 15.23
C GLU A 135 11.05 -7.02 15.34
N GLU A 136 11.06 -8.08 16.15
CA GLU A 136 12.24 -8.91 16.31
C GLU A 136 12.56 -9.69 15.03
N ASN A 137 11.62 -9.68 14.09
CA ASN A 137 11.77 -10.36 12.81
C ASN A 137 12.26 -9.43 11.69
N ILE A 138 12.82 -8.29 12.07
CA ILE A 138 13.34 -7.34 11.11
C ILE A 138 14.87 -7.37 11.13
N VAL A 139 15.46 -7.36 9.94
CA VAL A 139 16.91 -7.40 9.79
C VAL A 139 17.40 -6.17 9.01
N ASN A 140 18.48 -5.59 9.51
CA ASN A 140 19.12 -4.42 8.87
C ASN A 140 19.99 -5.01 7.77
N ILE A 141 19.65 -4.70 6.51
CA ILE A 141 20.39 -5.24 5.37
C ILE A 141 21.57 -4.37 4.91
N ILE A 142 21.57 -3.11 5.29
CA ILE A 142 22.67 -2.23 4.87
C ILE A 142 23.94 -2.61 5.59
N GLU A 143 23.80 -3.17 6.77
CA GLU A 143 24.94 -3.60 7.55
C GLU A 143 25.50 -4.91 7.04
N ARG A 144 24.70 -5.61 6.25
CA ARG A 144 25.09 -6.91 5.75
C ARG A 144 25.46 -6.89 4.27
N ASP A 145 25.10 -5.80 3.60
CA ASP A 145 25.36 -5.62 2.19
C ASP A 145 26.79 -5.23 1.89
N ASP A 146 27.62 -6.24 1.64
CA ASP A 146 28.99 -5.99 1.26
C ASP A 146 29.18 -6.50 -0.16
N CYS A 147 28.09 -6.61 -0.90
CA CYS A 147 28.16 -7.07 -2.29
C CYS A 147 28.44 -5.89 -3.20
N PRO A 148 28.94 -6.16 -4.43
CA PRO A 148 29.27 -5.14 -5.43
C PRO A 148 28.11 -4.25 -5.83
N ALA A 149 28.40 -2.95 -5.93
CA ALA A 149 27.43 -1.93 -6.29
C ALA A 149 26.83 -2.16 -7.68
N GLU B 3 -20.48 -1.69 -13.83
CA GLU B 3 -18.99 -1.54 -13.90
C GLU B 3 -18.50 -0.46 -12.93
N LEU B 4 -18.61 -0.74 -11.63
CA LEU B 4 -18.19 0.19 -10.58
C LEU B 4 -16.68 0.20 -10.35
N SER B 5 -15.94 -0.30 -11.34
CA SER B 5 -14.49 -0.36 -11.23
C SER B 5 -13.82 0.63 -12.18
N GLY B 6 -12.93 1.43 -11.62
CA GLY B 6 -12.22 2.41 -12.43
C GLY B 6 -11.51 3.43 -11.56
N LYS B 7 -11.14 4.56 -12.15
CA LYS B 7 -10.48 5.61 -11.41
C LYS B 7 -11.54 6.39 -10.63
N TRP B 8 -11.20 6.73 -9.39
CA TRP B 8 -12.11 7.45 -8.51
C TRP B 8 -11.33 8.46 -7.70
N ILE B 9 -11.73 9.73 -7.77
CA ILE B 9 -11.06 10.79 -7.03
C ILE B 9 -11.86 11.16 -5.79
N THR B 10 -11.17 11.51 -4.72
CA THR B 10 -11.83 11.89 -3.49
C THR B 10 -12.39 13.28 -3.62
N SER B 11 -13.57 13.49 -3.06
CA SER B 11 -14.24 14.79 -3.10
C SER B 11 -14.23 15.36 -1.71
N TYR B 12 -14.98 14.69 -0.83
CA TYR B 12 -15.12 15.07 0.56
C TYR B 12 -14.85 13.87 1.43
N ILE B 13 -14.55 14.13 2.70
CA ILE B 13 -14.29 13.09 3.67
C ILE B 13 -14.85 13.62 4.98
N GLY B 14 -15.48 12.75 5.76
CA GLY B 14 -16.03 13.15 7.04
C GLY B 14 -15.54 12.16 8.08
N SER B 15 -15.10 12.67 9.22
CA SER B 15 -14.57 11.80 10.27
C SER B 15 -15.14 12.11 11.65
N SER B 16 -15.21 11.11 12.53
CA SER B 16 -15.72 11.31 13.89
C SER B 16 -14.61 11.84 14.80
N ASP B 17 -13.40 11.89 14.27
CA ASP B 17 -12.22 12.43 14.94
C ASP B 17 -11.69 13.35 13.86
N LEU B 18 -11.87 14.65 14.04
CA LEU B 18 -11.42 15.63 13.04
C LEU B 18 -9.91 15.65 12.83
N GLU B 19 -9.16 15.17 13.82
CA GLU B 19 -7.70 15.14 13.74
C GLU B 19 -7.11 14.06 12.84
N LYS B 20 -7.97 13.24 12.23
CA LYS B 20 -7.52 12.17 11.35
C LYS B 20 -7.54 12.53 9.87
N ILE B 21 -8.41 13.46 9.49
CA ILE B 21 -8.52 13.87 8.09
C ILE B 21 -7.88 15.23 7.87
N GLY B 22 -7.20 15.74 8.90
CA GLY B 22 -6.52 17.02 8.78
C GLY B 22 -5.35 16.94 7.84
N GLU B 23 -4.69 18.07 7.61
CA GLU B 23 -3.53 18.12 6.73
C GLU B 23 -2.42 17.27 7.34
N ASN B 24 -1.60 16.66 6.47
CA ASN B 24 -0.51 15.79 6.93
C ASN B 24 -1.02 14.60 7.75
N ALA B 25 -2.32 14.33 7.68
CA ALA B 25 -2.91 13.23 8.43
C ALA B 25 -3.10 12.02 7.52
N PRO B 26 -3.07 10.81 8.10
CA PRO B 26 -3.23 9.54 7.40
C PRO B 26 -4.50 9.36 6.55
N PHE B 27 -5.65 9.75 7.09
CA PHE B 27 -6.91 9.62 6.35
C PHE B 27 -7.30 10.74 5.41
N GLN B 28 -6.35 11.64 5.15
CA GLN B 28 -6.55 12.72 4.21
C GLN B 28 -6.11 12.00 2.93
N VAL B 29 -6.98 11.11 2.45
CA VAL B 29 -6.71 10.28 1.26
C VAL B 29 -7.22 10.81 -0.08
N PHE B 30 -6.30 10.88 -1.04
CA PHE B 30 -6.60 11.37 -2.39
C PHE B 30 -6.67 10.17 -3.36
N MET B 31 -7.80 9.48 -3.35
CA MET B 31 -8.00 8.30 -4.20
C MET B 31 -7.59 8.49 -5.65
N ARG B 32 -7.17 7.41 -6.29
CA ARG B 32 -6.76 7.46 -7.70
C ARG B 32 -7.48 6.38 -8.50
N SER B 33 -7.63 5.19 -7.91
CA SER B 33 -8.32 4.07 -8.55
C SER B 33 -8.79 3.02 -7.54
N ILE B 34 -9.87 2.33 -7.88
CA ILE B 34 -10.41 1.28 -7.03
C ILE B 34 -10.90 0.18 -7.95
N GLU B 35 -10.34 -1.03 -7.78
CA GLU B 35 -10.75 -2.17 -8.59
C GLU B 35 -11.35 -3.24 -7.69
N PHE B 36 -12.53 -3.72 -8.07
CA PHE B 36 -13.23 -4.75 -7.31
C PHE B 36 -13.16 -6.09 -8.05
N ASP B 37 -12.28 -6.98 -7.60
CA ASP B 37 -12.15 -8.29 -8.22
C ASP B 37 -13.15 -9.22 -7.52
N ASP B 38 -14.27 -9.52 -8.19
CA ASP B 38 -15.30 -10.39 -7.65
C ASP B 38 -14.95 -11.87 -7.74
N LYS B 39 -14.34 -12.29 -8.84
CA LYS B 39 -13.94 -13.68 -9.02
C LYS B 39 -13.01 -14.12 -7.88
N GLU B 40 -11.97 -13.34 -7.64
CA GLU B 40 -10.99 -13.65 -6.59
C GLU B 40 -11.33 -13.12 -5.19
N SER B 41 -12.47 -12.43 -5.07
CA SER B 41 -12.93 -11.87 -3.80
C SER B 41 -11.92 -10.92 -3.13
N LYS B 42 -11.72 -9.76 -3.76
CA LYS B 42 -10.77 -8.78 -3.25
C LYS B 42 -11.05 -7.37 -3.78
N VAL B 43 -10.41 -6.37 -3.17
CA VAL B 43 -10.54 -4.98 -3.57
C VAL B 43 -9.14 -4.38 -3.68
N TYR B 44 -8.95 -3.46 -4.62
CA TYR B 44 -7.65 -2.83 -4.84
C TYR B 44 -7.74 -1.32 -4.82
N LEU B 45 -7.12 -0.71 -3.81
CA LEU B 45 -7.12 0.74 -3.65
C LEU B 45 -5.79 1.33 -4.08
N ASN B 46 -5.83 2.41 -4.82
CA ASN B 46 -4.63 3.09 -5.27
C ASN B 46 -4.83 4.57 -4.98
N PHE B 47 -4.03 5.13 -4.08
CA PHE B 47 -4.17 6.54 -3.72
C PHE B 47 -2.92 7.21 -3.19
N PHE B 48 -3.09 8.47 -2.80
CA PHE B 48 -2.01 9.27 -2.24
C PHE B 48 -2.43 9.79 -0.86
N SER B 49 -1.45 10.31 -0.15
CA SER B 49 -1.64 10.90 1.17
C SER B 49 -0.47 11.88 1.31
N LYS B 50 -0.32 12.51 2.47
CA LYS B 50 0.75 13.48 2.62
C LYS B 50 1.45 13.52 3.98
N GLU B 51 2.74 13.84 3.94
CA GLU B 51 3.60 13.99 5.13
C GLU B 51 4.59 15.11 4.81
N ASN B 52 4.69 16.09 5.71
CA ASN B 52 5.56 17.26 5.53
C ASN B 52 5.41 17.90 4.15
N GLY B 53 4.15 18.03 3.72
CA GLY B 53 3.83 18.63 2.44
C GLY B 53 4.11 17.81 1.19
N ILE B 54 4.73 16.65 1.34
CA ILE B 54 5.06 15.79 0.19
C ILE B 54 4.08 14.63 0.01
N CYS B 55 3.78 14.30 -1.25
CA CYS B 55 2.85 13.21 -1.57
C CYS B 55 3.49 11.82 -1.50
N GLU B 56 2.67 10.83 -1.12
CA GLU B 56 3.13 9.45 -0.98
C GLU B 56 2.10 8.47 -1.52
N GLU B 57 2.51 7.65 -2.49
CA GLU B 57 1.60 6.67 -3.07
C GLU B 57 1.43 5.39 -2.27
N PHE B 58 0.20 4.88 -2.24
CA PHE B 58 -0.15 3.66 -1.53
C PHE B 58 -0.99 2.74 -2.40
N SER B 59 -0.64 1.45 -2.41
CA SER B 59 -1.37 0.44 -3.16
C SER B 59 -1.78 -0.65 -2.18
N LEU B 60 -3.06 -0.68 -1.81
CA LEU B 60 -3.57 -1.67 -0.87
C LEU B 60 -4.43 -2.77 -1.47
N ILE B 61 -4.54 -3.87 -0.73
CA ILE B 61 -5.35 -5.01 -1.15
C ILE B 61 -6.24 -5.37 0.03
N GLY B 62 -7.54 -5.48 -0.24
CA GLY B 62 -8.50 -5.84 0.79
C GLY B 62 -9.26 -7.08 0.38
N THR B 63 -9.83 -7.79 1.35
CA THR B 63 -10.59 -9.02 1.06
C THR B 63 -12.06 -8.90 1.47
N LYS B 64 -12.96 -9.39 0.61
CA LYS B 64 -14.39 -9.35 0.87
C LYS B 64 -14.73 -10.23 2.08
N GLN B 65 -15.71 -9.78 2.86
CA GLN B 65 -16.16 -10.49 4.06
C GLN B 65 -17.67 -10.74 4.03
N GLU B 66 -18.26 -10.99 5.22
CA GLU B 66 -19.68 -11.24 5.36
C GLU B 66 -20.48 -9.96 5.01
N GLY B 67 -21.24 -10.04 3.92
CA GLY B 67 -22.04 -8.90 3.47
C GLY B 67 -21.37 -8.15 2.34
N ASN B 68 -21.16 -6.85 2.54
CA ASN B 68 -20.49 -6.00 1.54
C ASN B 68 -19.30 -5.32 2.22
N THR B 69 -18.89 -5.86 3.37
CA THR B 69 -17.76 -5.32 4.12
C THR B 69 -16.45 -5.84 3.57
N TYR B 70 -15.43 -4.97 3.62
CA TYR B 70 -14.09 -5.31 3.16
C TYR B 70 -13.12 -5.03 4.28
N ASP B 71 -12.11 -5.87 4.41
CA ASP B 71 -11.09 -5.66 5.43
C ASP B 71 -9.81 -5.26 4.70
N VAL B 72 -9.21 -4.18 5.15
CA VAL B 72 -7.97 -3.71 4.55
C VAL B 72 -7.12 -2.98 5.58
N ASN B 73 -5.81 -3.24 5.54
CA ASN B 73 -4.89 -2.59 6.47
C ASN B 73 -4.34 -1.30 5.90
N TYR B 74 -4.37 -0.27 6.73
CA TYR B 74 -3.88 1.06 6.41
C TYR B 74 -4.07 1.93 7.65
N ALA B 75 -2.96 2.32 8.28
CA ALA B 75 -2.98 3.13 9.49
C ALA B 75 -3.91 2.46 10.50
N GLY B 76 -3.77 1.15 10.61
CA GLY B 76 -4.60 0.38 11.52
C GLY B 76 -5.45 -0.61 10.72
N ASN B 77 -6.36 -1.30 11.41
CA ASN B 77 -7.24 -2.26 10.76
C ASN B 77 -8.55 -1.58 10.36
N ASN B 78 -8.90 -1.68 9.08
CA ASN B 78 -10.10 -1.05 8.58
C ASN B 78 -11.16 -2.05 8.15
N LYS B 79 -12.40 -1.58 8.15
CA LYS B 79 -13.54 -2.37 7.70
C LYS B 79 -14.46 -1.37 7.07
N PHE B 80 -14.46 -1.29 5.75
CA PHE B 80 -15.35 -0.34 5.11
C PHE B 80 -16.42 -1.04 4.28
N VAL B 81 -17.42 -0.25 3.88
CA VAL B 81 -18.54 -0.73 3.10
C VAL B 81 -18.80 0.32 2.04
N VAL B 82 -19.30 -0.11 0.90
CA VAL B 82 -19.64 0.82 -0.18
C VAL B 82 -21.13 1.06 0.05
N SER B 83 -21.40 2.00 0.94
CA SER B 83 -22.75 2.37 1.34
C SER B 83 -23.63 2.71 0.16
N TYR B 84 -23.06 3.43 -0.80
CA TYR B 84 -23.80 3.83 -1.99
C TYR B 84 -22.88 3.76 -3.20
N ALA B 85 -23.45 3.40 -4.34
CA ALA B 85 -22.71 3.29 -5.58
C ALA B 85 -23.56 3.54 -6.83
N SER B 86 -23.28 4.64 -7.52
CA SER B 86 -23.98 4.97 -8.76
C SER B 86 -22.91 5.13 -9.84
N GLU B 87 -23.26 5.78 -10.96
CA GLU B 87 -22.28 5.99 -12.01
C GLU B 87 -21.35 7.18 -11.74
N THR B 88 -21.88 8.22 -11.08
CA THR B 88 -21.11 9.41 -10.76
C THR B 88 -20.49 9.45 -9.36
N ALA B 89 -20.95 8.60 -8.44
CA ALA B 89 -20.40 8.64 -7.10
C ALA B 89 -20.27 7.29 -6.38
N LEU B 90 -19.45 7.29 -5.34
CA LEU B 90 -19.20 6.10 -4.54
C LEU B 90 -19.04 6.55 -3.10
N ILE B 91 -20.04 6.29 -2.26
CA ILE B 91 -19.96 6.67 -0.85
C ILE B 91 -19.47 5.48 0.00
N ILE B 92 -18.40 5.71 0.75
CA ILE B 92 -17.81 4.66 1.57
C ILE B 92 -17.84 4.96 3.05
N SER B 93 -18.31 3.99 3.83
CA SER B 93 -18.37 4.10 5.28
C SER B 93 -17.22 3.26 5.78
N ASN B 94 -16.45 3.77 6.74
CA ASN B 94 -15.30 3.04 7.23
C ASN B 94 -15.08 3.09 8.75
N ILE B 95 -14.58 1.99 9.29
CA ILE B 95 -14.29 1.88 10.70
C ILE B 95 -12.80 1.55 10.85
N ASN B 96 -12.03 2.49 11.39
CA ASN B 96 -10.59 2.33 11.59
C ASN B 96 -10.25 2.09 13.05
N VAL B 97 -9.38 1.11 13.29
CA VAL B 97 -8.93 0.79 14.64
C VAL B 97 -7.42 0.79 14.64
N ASP B 98 -6.83 1.92 15.04
CA ASP B 98 -5.39 2.06 15.07
C ASP B 98 -4.74 1.26 16.21
N GLU B 99 -3.46 1.52 16.43
CA GLU B 99 -2.67 0.86 17.45
C GLU B 99 -3.30 0.93 18.84
N GLU B 100 -3.51 2.17 19.29
CA GLU B 100 -4.07 2.47 20.59
C GLU B 100 -5.45 1.86 20.81
N GLY B 101 -6.04 1.34 19.74
CA GLY B 101 -7.36 0.75 19.82
C GLY B 101 -8.41 1.85 19.74
N ASP B 102 -7.99 3.02 19.27
CA ASP B 102 -8.88 4.16 19.13
C ASP B 102 -9.73 4.05 17.85
N LYS B 103 -11.00 3.69 18.02
CA LYS B 103 -11.93 3.55 16.89
C LYS B 103 -12.38 4.90 16.33
N THR B 104 -12.41 4.98 15.00
CA THR B 104 -12.82 6.19 14.27
C THR B 104 -13.74 5.82 13.12
N ILE B 105 -14.88 6.51 13.04
CA ILE B 105 -15.84 6.28 11.97
C ILE B 105 -15.53 7.29 10.86
N MET B 106 -15.62 6.85 9.61
CA MET B 106 -15.36 7.72 8.47
C MET B 106 -16.29 7.53 7.29
N THR B 107 -16.26 8.52 6.39
CA THR B 107 -17.07 8.52 5.20
C THR B 107 -16.31 9.21 4.09
N GLY B 108 -16.52 8.77 2.85
CA GLY B 108 -15.85 9.36 1.72
C GLY B 108 -16.73 9.38 0.49
N LEU B 109 -16.69 10.48 -0.24
CA LEU B 109 -17.47 10.64 -1.46
C LEU B 109 -16.46 10.59 -2.57
N LEU B 110 -16.64 9.67 -3.50
CA LEU B 110 -15.69 9.54 -4.60
C LEU B 110 -16.32 10.03 -5.91
N GLY B 111 -15.49 10.42 -6.85
CA GLY B 111 -15.98 10.92 -8.14
C GLY B 111 -15.14 10.50 -9.32
N LYS B 112 -15.45 11.06 -10.48
CA LYS B 112 -14.72 10.74 -11.69
C LYS B 112 -13.76 11.84 -12.13
N GLY B 113 -14.06 13.08 -11.75
CA GLY B 113 -13.22 14.19 -12.12
C GLY B 113 -13.29 15.32 -11.13
N THR B 114 -13.55 16.52 -11.63
CA THR B 114 -13.62 17.72 -10.80
C THR B 114 -15.02 18.08 -10.30
N ASP B 115 -16.05 17.71 -11.07
CA ASP B 115 -17.44 18.02 -10.72
C ASP B 115 -18.06 17.18 -9.60
N ILE B 116 -19.03 17.78 -8.92
CA ILE B 116 -19.74 17.12 -7.82
C ILE B 116 -21.23 17.46 -7.94
N GLU B 117 -22.06 16.45 -8.17
CA GLU B 117 -23.50 16.71 -8.28
C GLU B 117 -24.13 17.01 -6.93
N ASP B 118 -25.05 17.97 -6.90
CA ASP B 118 -25.72 18.36 -5.67
C ASP B 118 -26.37 17.19 -4.95
N GLN B 119 -26.90 16.23 -5.70
CA GLN B 119 -27.56 15.07 -5.12
C GLN B 119 -26.65 14.03 -4.48
N ASP B 120 -25.43 13.87 -5.02
CA ASP B 120 -24.47 12.91 -4.46
C ASP B 120 -23.90 13.55 -3.22
N LEU B 121 -23.64 14.85 -3.28
CA LEU B 121 -23.11 15.59 -2.15
C LEU B 121 -24.09 15.44 -0.99
N GLU B 122 -25.37 15.54 -1.31
CA GLU B 122 -26.46 15.42 -0.34
C GLU B 122 -26.52 14.03 0.26
N LYS B 123 -26.49 13.00 -0.59
CA LYS B 123 -26.52 11.61 -0.14
C LYS B 123 -25.32 11.33 0.76
N PHE B 124 -24.22 12.05 0.50
CA PHE B 124 -23.00 11.92 1.28
C PHE B 124 -23.21 12.47 2.69
N LYS B 125 -23.90 13.61 2.80
CA LYS B 125 -24.17 14.21 4.11
C LYS B 125 -25.19 13.39 4.89
N GLU B 126 -26.10 12.75 4.16
CA GLU B 126 -27.11 11.92 4.82
C GLU B 126 -26.50 10.62 5.35
N VAL B 127 -25.56 10.05 4.60
CA VAL B 127 -24.89 8.83 5.03
C VAL B 127 -23.97 9.21 6.20
N THR B 128 -23.40 10.41 6.14
CA THR B 128 -22.52 10.92 7.18
C THR B 128 -23.22 11.02 8.53
N ARG B 129 -24.34 11.76 8.55
CA ARG B 129 -25.11 11.94 9.77
C ARG B 129 -25.59 10.60 10.30
N GLU B 130 -25.78 9.65 9.39
CA GLU B 130 -26.22 8.29 9.73
C GLU B 130 -25.15 7.52 10.49
N ASN B 131 -23.88 7.84 10.26
CA ASN B 131 -22.78 7.19 10.95
C ASN B 131 -22.42 7.91 12.25
N GLY B 132 -23.32 8.79 12.69
CA GLY B 132 -23.10 9.54 13.91
C GLY B 132 -21.91 10.48 13.81
N ILE B 133 -21.82 11.21 12.69
CA ILE B 133 -20.72 12.13 12.46
C ILE B 133 -21.26 13.54 12.19
N PRO B 134 -20.79 14.54 12.96
CA PRO B 134 -21.18 15.95 12.85
C PRO B 134 -20.88 16.51 11.47
N GLU B 135 -21.67 17.49 11.02
CA GLU B 135 -21.46 18.07 9.70
C GLU B 135 -20.20 18.94 9.67
N GLU B 136 -19.79 19.40 10.85
CA GLU B 136 -18.59 20.22 11.01
C GLU B 136 -17.38 19.38 10.65
N ASN B 137 -17.44 18.09 11.01
CA ASN B 137 -16.34 17.17 10.77
C ASN B 137 -16.18 16.73 9.33
N ILE B 138 -16.63 17.56 8.41
CA ILE B 138 -16.52 17.28 6.98
C ILE B 138 -15.51 18.23 6.35
N VAL B 139 -14.57 17.67 5.62
CA VAL B 139 -13.53 18.44 4.95
C VAL B 139 -13.61 18.21 3.45
N ASN B 140 -13.39 19.29 2.71
CA ASN B 140 -13.40 19.25 1.25
C ASN B 140 -12.01 18.75 0.84
N ILE B 141 -11.94 17.56 0.24
CA ILE B 141 -10.65 16.98 -0.17
C ILE B 141 -10.11 17.33 -1.57
N ILE B 142 -10.96 17.78 -2.48
CA ILE B 142 -10.49 18.14 -3.81
C ILE B 142 -9.74 19.48 -3.85
N GLU B 143 -10.05 20.35 -2.89
CA GLU B 143 -9.41 21.66 -2.80
C GLU B 143 -7.90 21.50 -2.60
N ARG B 144 -7.50 20.53 -1.78
CA ARG B 144 -6.09 20.30 -1.51
C ARG B 144 -5.44 19.09 -2.20
N ASP B 145 -5.96 18.67 -3.35
CA ASP B 145 -5.38 17.53 -4.06
C ASP B 145 -4.41 17.96 -5.16
N ASP B 146 -3.21 18.37 -4.76
CA ASP B 146 -2.20 18.76 -5.75
C ASP B 146 -1.20 17.65 -6.01
N CYS B 147 -1.52 16.44 -5.53
CA CYS B 147 -0.68 15.26 -5.71
C CYS B 147 -0.72 14.86 -7.19
N PRO B 148 0.30 14.11 -7.66
CA PRO B 148 0.34 13.68 -9.06
C PRO B 148 -0.88 12.90 -9.54
N ALA B 149 -1.17 13.01 -10.83
CA ALA B 149 -2.32 12.34 -11.44
C ALA B 149 -2.19 10.82 -11.49
#